data_3QHQ
#
_entry.id   3QHQ
#
_cell.length_a   75.300
_cell.length_b   83.300
_cell.length_c   110.400
_cell.angle_alpha   90.00
_cell.angle_beta   109.40
_cell.angle_gamma   90.00
#
_symmetry.space_group_name_H-M   'C 1 2 1'
#
loop_
_entity.id
_entity.type
_entity.pdbx_description
1 polymer 'Sag0897 family CRISPR-associated protein'
2 non-polymer 'CALCIUM ION'
3 non-polymer 1,2-ETHANEDIOL
4 water water
#
_entity_poly.entity_id   1
_entity_poly.type   'polypeptide(L)'
_entity_poly.pdbx_seq_one_letter_code
;MVKINFPILDEPLVLSNATILTIEDVSVYSSLVKHFYQYDVDEHLKLFDDKQKSLKATELMLVTDILGYDVNSAPILKLI
HGDLENQFNEKPEVKSMVEKLAATITELIAFECLENELDLEYDEITILELIKALGVKIETQSDTIFEKCFEIIQVYHYLT
KKNLLVFVNSGAYLTKDEVIKLCEYINLMQKSVLFLEPRRLYDLPQYVIDKDYFLIGENMVLEHHHHHH
;
_entity_poly.pdbx_strand_id   A,B
#
# COMPACT_ATOMS: atom_id res chain seq x y z
N MET A 1 -18.40 -18.11 8.27
CA MET A 1 -18.94 -16.73 8.03
C MET A 1 -18.38 -15.73 9.03
N VAL A 2 -18.28 -14.48 8.60
CA VAL A 2 -17.85 -13.38 9.46
C VAL A 2 -19.01 -12.39 9.47
N LYS A 3 -19.25 -11.72 10.60
CA LYS A 3 -20.28 -10.69 10.68
C LYS A 3 -19.66 -9.32 10.85
N ILE A 4 -20.25 -8.33 10.19
CA ILE A 4 -19.82 -6.93 10.32
C ILE A 4 -20.95 -6.09 10.91
N ASN A 5 -20.59 -5.18 11.81
CA ASN A 5 -21.54 -4.21 12.35
C ASN A 5 -20.89 -2.86 12.56
N PHE A 6 -21.70 -1.82 12.40
CA PHE A 6 -21.35 -0.44 12.70
C PHE A 6 -22.66 0.35 12.89
N PRO A 7 -22.61 1.54 13.51
CA PRO A 7 -23.84 2.26 13.90
C PRO A 7 -24.93 2.37 12.83
N ILE A 8 -24.55 2.63 11.58
CA ILE A 8 -25.53 2.80 10.49
C ILE A 8 -26.34 1.54 10.17
N LEU A 9 -25.74 0.36 10.36
CA LEU A 9 -26.45 -0.90 10.21
C LEU A 9 -27.42 -1.12 11.37
N ASP A 10 -28.65 -1.55 11.06
CA ASP A 10 -29.63 -1.86 12.10
C ASP A 10 -29.27 -3.17 12.82
N GLU A 11 -28.73 -4.13 12.07
CA GLU A 11 -28.26 -5.39 12.65
C GLU A 11 -26.96 -5.83 11.96
N PRO A 12 -26.21 -6.78 12.59
CA PRO A 12 -24.99 -7.22 11.93
C PRO A 12 -25.29 -7.83 10.57
N LEU A 13 -24.31 -7.74 9.68
CA LEU A 13 -24.44 -8.28 8.34
C LEU A 13 -23.52 -9.48 8.20
N VAL A 14 -24.07 -10.60 7.71
CA VAL A 14 -23.28 -11.82 7.50
C VAL A 14 -22.45 -11.71 6.22
N LEU A 15 -21.14 -11.90 6.35
CA LEU A 15 -20.22 -11.95 5.22
C LEU A 15 -19.76 -13.40 4.99
N SER A 16 -20.48 -14.11 4.12
CA SER A 16 -20.17 -15.50 3.80
C SER A 16 -19.68 -15.55 2.35
N ASN A 17 -18.61 -16.33 2.13
CA ASN A 17 -17.98 -16.46 0.82
C ASN A 17 -17.72 -15.07 0.22
N ALA A 18 -18.13 -14.85 -1.03
CA ALA A 18 -17.95 -13.52 -1.63
C ALA A 18 -19.16 -12.64 -1.35
N THR A 19 -18.91 -11.46 -0.77
CA THR A 19 -19.95 -10.47 -0.52
C THR A 19 -19.55 -9.09 -1.09
N ILE A 20 -20.49 -8.44 -1.75
CA ILE A 20 -20.28 -7.06 -2.17
C ILE A 20 -21.07 -6.14 -1.24
N LEU A 21 -20.38 -5.18 -0.63
CA LEU A 21 -21.01 -4.13 0.16
C LEU A 21 -20.73 -2.78 -0.49
N THR A 22 -21.81 -2.13 -0.91
CA THR A 22 -21.76 -0.84 -1.59
C THR A 22 -22.29 0.27 -0.67
N ILE A 23 -21.51 1.34 -0.51
CA ILE A 23 -21.92 2.49 0.29
C ILE A 23 -22.01 3.73 -0.61
N GLU A 24 -23.23 4.23 -0.83
CA GLU A 24 -23.45 5.29 -1.82
C GLU A 24 -23.10 6.70 -1.33
N ASP A 25 -22.85 6.84 -0.03
CA ASP A 25 -22.51 8.13 0.58
C ASP A 25 -21.00 8.22 0.72
N VAL A 26 -20.40 9.28 0.18
CA VAL A 26 -18.94 9.40 0.17
C VAL A 26 -18.34 9.41 1.59
N SER A 27 -18.93 10.20 2.48
N SER A 27 -18.93 10.18 2.49
CA SER A 27 -18.41 10.35 3.85
CA SER A 27 -18.38 10.35 3.84
C SER A 27 -18.45 9.05 4.63
C SER A 27 -18.48 9.07 4.69
N VAL A 28 -19.58 8.33 4.54
CA VAL A 28 -19.75 7.05 5.22
C VAL A 28 -18.81 6.01 4.62
N TYR A 29 -18.67 6.01 3.29
CA TYR A 29 -17.75 5.09 2.63
C TYR A 29 -16.31 5.34 3.08
N SER A 30 -15.89 6.60 3.02
CA SER A 30 -14.54 6.99 3.40
C SER A 30 -14.24 6.65 4.86
N SER A 31 -15.20 6.92 5.73
CA SER A 31 -15.08 6.61 7.17
C SER A 31 -14.94 5.11 7.42
N LEU A 32 -15.71 4.29 6.71
CA LEU A 32 -15.65 2.84 6.88
C LEU A 32 -14.29 2.29 6.43
N VAL A 33 -13.79 2.78 5.31
CA VAL A 33 -12.45 2.40 4.83
C VAL A 33 -11.39 2.78 5.87
N LYS A 34 -11.46 4.00 6.39
CA LYS A 34 -10.58 4.44 7.46
C LYS A 34 -10.64 3.49 8.67
N HIS A 35 -11.86 3.13 9.09
CA HIS A 35 -12.04 2.27 10.26
C HIS A 35 -11.49 0.86 10.07
N PHE A 36 -11.61 0.33 8.84
CA PHE A 36 -10.97 -0.95 8.50
C PHE A 36 -9.45 -0.87 8.68
N TYR A 37 -8.84 0.21 8.18
CA TYR A 37 -7.40 0.43 8.31
C TYR A 37 -6.95 0.67 9.74
N GLN A 38 -7.87 1.12 10.59
CA GLN A 38 -7.63 1.32 12.01
C GLN A 38 -8.02 0.12 12.89
N TYR A 39 -8.69 -0.88 12.32
CA TYR A 39 -9.20 -2.03 13.10
C TYR A 39 -8.07 -2.62 13.99
N ASP A 40 -8.32 -2.79 15.29
N ASP A 40 -8.27 -2.83 15.29
CA ASP A 40 -9.66 -2.61 15.89
CA ASP A 40 -9.53 -2.66 15.99
C ASP A 40 -9.83 -1.42 16.84
C ASP A 40 -9.41 -1.63 17.10
N VAL A 41 -8.95 -0.42 16.74
CA VAL A 41 -8.94 0.71 17.68
C VAL A 41 -10.24 1.52 17.61
N ASP A 42 -10.88 1.49 16.44
CA ASP A 42 -12.07 2.28 16.18
C ASP A 42 -13.30 1.77 16.95
N GLU A 43 -14.06 0.87 16.34
CA GLU A 43 -15.23 0.19 16.98
C GLU A 43 -16.16 1.09 17.81
N HIS A 44 -17.22 1.68 17.25
CA HIS A 44 -17.78 1.53 15.88
C HIS A 44 -17.63 0.24 15.06
N LEU A 45 -16.50 0.07 14.37
CA LEU A 45 -16.36 -1.07 13.47
C LEU A 45 -16.21 -2.41 14.19
N LYS A 46 -17.22 -3.25 14.04
CA LYS A 46 -17.22 -4.57 14.66
C LYS A 46 -17.12 -5.67 13.60
N LEU A 47 -16.22 -6.61 13.84
CA LEU A 47 -16.06 -7.80 13.03
C LEU A 47 -16.02 -9.02 13.96
N PHE A 48 -16.98 -9.91 13.83
CA PHE A 48 -17.07 -11.04 14.75
C PHE A 48 -17.51 -12.37 14.13
N ASP A 49 -17.50 -13.41 14.96
CA ASP A 49 -17.89 -14.78 14.61
C ASP A 49 -16.87 -15.48 13.71
N ASP A 50 -16.08 -16.41 14.25
CA ASP A 50 -15.99 -16.76 15.69
C ASP A 50 -17.20 -16.43 16.56
N LYS A 51 -18.13 -17.38 16.66
CA LYS A 51 -19.42 -17.22 17.37
C LYS A 51 -19.41 -16.20 18.52
N GLN A 52 -19.69 -14.93 18.16
CA GLN A 52 -19.76 -13.78 19.08
C GLN A 52 -18.40 -13.14 19.41
N LYS A 53 -17.31 -13.78 18.98
CA LYS A 53 -15.95 -13.34 19.31
C LYS A 53 -15.38 -12.43 18.23
N SER A 54 -14.88 -11.27 18.64
CA SER A 54 -14.26 -10.30 17.74
C SER A 54 -13.05 -10.88 17.02
N LEU A 55 -12.96 -10.63 15.72
CA LEU A 55 -11.74 -10.92 14.98
C LEU A 55 -10.60 -10.08 15.54
N LYS A 56 -9.43 -10.71 15.71
CA LYS A 56 -8.24 -9.96 16.08
C LYS A 56 -7.80 -9.13 14.88
N ALA A 57 -7.08 -8.04 15.12
CA ALA A 57 -6.59 -7.20 14.04
C ALA A 57 -5.75 -8.00 13.04
N THR A 58 -5.03 -9.00 13.55
CA THR A 58 -4.16 -9.85 12.73
C THR A 58 -4.93 -10.73 11.74
N GLU A 59 -6.23 -10.91 11.98
CA GLU A 59 -7.07 -11.76 11.12
C GLU A 59 -7.58 -11.06 9.87
N LEU A 60 -7.33 -9.76 9.79
CA LEU A 60 -7.82 -8.95 8.69
C LEU A 60 -6.75 -8.78 7.63
N MET A 61 -7.13 -8.98 6.38
CA MET A 61 -6.25 -8.79 5.24
C MET A 61 -6.91 -7.73 4.33
N LEU A 62 -6.27 -6.57 4.22
CA LEU A 62 -6.83 -5.44 3.48
C LEU A 62 -6.04 -5.21 2.20
N VAL A 63 -6.73 -5.15 1.05
CA VAL A 63 -6.05 -4.90 -0.22
C VAL A 63 -6.71 -3.74 -0.96
N THR A 64 -5.96 -2.68 -1.18
CA THR A 64 -6.43 -1.58 -2.02
C THR A 64 -5.57 -1.50 -3.26
N ASP A 65 -4.25 -1.62 -3.07
CA ASP A 65 -3.30 -1.63 -4.17
C ASP A 65 -3.04 -3.07 -4.58
N ILE A 66 -3.75 -3.49 -5.62
CA ILE A 66 -3.74 -4.89 -6.06
C ILE A 66 -2.38 -5.26 -6.68
N LEU A 67 -1.89 -4.42 -7.60
CA LEU A 67 -0.62 -4.72 -8.29
C LEU A 67 0.58 -4.55 -7.37
N GLY A 68 0.43 -3.68 -6.36
CA GLY A 68 1.51 -3.45 -5.39
C GLY A 68 1.62 -4.56 -4.36
N TYR A 69 0.59 -5.40 -4.26
CA TYR A 69 0.59 -6.47 -3.27
C TYR A 69 1.69 -7.49 -3.59
N ASP A 70 2.59 -7.72 -2.63
CA ASP A 70 3.73 -8.61 -2.85
C ASP A 70 3.42 -10.03 -2.38
N VAL A 71 3.12 -10.88 -3.36
CA VAL A 71 2.76 -12.27 -3.12
C VAL A 71 3.95 -13.11 -2.62
N ASN A 72 5.16 -12.72 -3.01
CA ASN A 72 6.39 -13.41 -2.60
C ASN A 72 7.25 -12.58 -1.66
N SER A 73 6.62 -11.99 -0.65
CA SER A 73 7.33 -11.26 0.40
C SER A 73 8.20 -12.22 1.20
N ALA A 74 9.20 -11.68 1.88
CA ALA A 74 10.10 -12.49 2.72
C ALA A 74 9.34 -13.32 3.77
N PRO A 75 8.37 -12.73 4.50
CA PRO A 75 7.57 -13.53 5.44
C PRO A 75 6.78 -14.68 4.79
N ILE A 76 6.15 -14.41 3.63
CA ILE A 76 5.41 -15.47 2.92
C ILE A 76 6.34 -16.59 2.46
N LEU A 77 7.49 -16.22 1.87
CA LEU A 77 8.49 -17.20 1.45
C LEU A 77 8.99 -18.06 2.63
N LYS A 78 9.21 -17.42 3.77
CA LYS A 78 9.64 -18.14 4.97
C LYS A 78 8.63 -19.18 5.39
N LEU A 79 7.35 -18.82 5.33
CA LEU A 79 6.27 -19.76 5.64
C LEU A 79 6.26 -20.92 4.65
N ILE A 80 6.36 -20.62 3.35
CA ILE A 80 6.32 -21.65 2.30
C ILE A 80 7.47 -22.64 2.46
N HIS A 81 8.68 -22.11 2.64
CA HIS A 81 9.86 -22.97 2.75
C HIS A 81 9.81 -23.86 4.00
N GLY A 82 9.34 -23.30 5.11
CA GLY A 82 9.13 -24.06 6.35
C GLY A 82 8.06 -25.13 6.22
N ASP A 83 6.96 -24.81 5.53
N ASP A 83 6.97 -24.78 5.52
CA ASP A 83 5.89 -25.78 5.28
CA ASP A 83 5.88 -25.68 5.19
C ASP A 83 6.38 -26.95 4.41
C ASP A 83 6.36 -26.91 4.41
N LEU A 84 7.19 -26.64 3.40
CA LEU A 84 7.75 -27.70 2.55
C LEU A 84 8.73 -28.60 3.31
N GLU A 85 9.53 -28.01 4.20
CA GLU A 85 10.37 -28.82 5.10
C GLU A 85 9.53 -29.75 5.98
N ASN A 86 8.44 -29.21 6.55
N ASN A 86 8.44 -29.22 6.54
CA ASN A 86 7.51 -30.00 7.35
CA ASN A 86 7.51 -30.02 7.36
C ASN A 86 6.87 -31.16 6.57
C ASN A 86 6.88 -31.16 6.57
N GLN A 87 6.63 -30.93 5.28
CA GLN A 87 6.10 -31.98 4.39
C GLN A 87 7.08 -33.15 4.25
N PHE A 88 8.38 -32.85 4.21
CA PHE A 88 9.41 -33.89 4.28
C PHE A 88 9.43 -34.57 5.65
N ASN A 89 9.32 -33.78 6.72
CA ASN A 89 9.33 -34.32 8.07
C ASN A 89 8.21 -35.33 8.29
N GLU A 90 7.09 -35.12 7.61
CA GLU A 90 5.94 -36.03 7.66
C GLU A 90 6.09 -37.26 6.77
N LYS A 91 7.12 -37.28 5.93
CA LYS A 91 7.39 -38.38 5.01
C LYS A 91 8.82 -38.93 5.21
N PRO A 92 9.02 -39.78 6.25
CA PRO A 92 10.35 -40.29 6.61
C PRO A 92 11.16 -40.91 5.46
N GLU A 93 10.51 -41.65 4.57
CA GLU A 93 11.21 -42.32 3.47
C GLU A 93 11.85 -41.31 2.52
N VAL A 94 11.08 -40.28 2.16
CA VAL A 94 11.56 -39.26 1.24
C VAL A 94 12.55 -38.29 1.93
N LYS A 95 12.29 -37.95 3.19
CA LYS A 95 13.25 -37.18 3.99
C LYS A 95 14.63 -37.86 3.98
N SER A 96 14.64 -39.15 4.28
CA SER A 96 15.87 -39.95 4.27
C SER A 96 16.56 -39.92 2.90
N MET A 97 15.77 -39.98 1.83
CA MET A 97 16.29 -39.92 0.47
C MET A 97 16.98 -38.59 0.17
N VAL A 98 16.35 -37.49 0.53
CA VAL A 98 16.95 -36.17 0.35
C VAL A 98 18.27 -36.08 1.13
N GLU A 99 18.25 -36.53 2.39
CA GLU A 99 19.43 -36.51 3.26
C GLU A 99 20.59 -37.35 2.71
N LYS A 100 20.26 -38.51 2.16
CA LYS A 100 21.24 -39.37 1.52
C LYS A 100 21.94 -38.68 0.35
N LEU A 101 21.14 -38.06 -0.52
CA LEU A 101 21.64 -37.37 -1.70
C LEU A 101 22.50 -36.16 -1.34
N ALA A 102 22.07 -35.43 -0.32
CA ALA A 102 22.83 -34.29 0.19
C ALA A 102 24.18 -34.72 0.76
N ALA A 103 24.21 -35.88 1.41
CA ALA A 103 25.45 -36.44 1.97
C ALA A 103 26.42 -36.92 0.88
N THR A 104 25.89 -37.47 -0.21
CA THR A 104 26.73 -37.86 -1.33
C THR A 104 27.35 -36.62 -2.00
N ILE A 105 26.52 -35.60 -2.23
CA ILE A 105 27.03 -34.31 -2.72
C ILE A 105 28.11 -33.75 -1.78
N THR A 106 27.83 -33.76 -0.47
CA THR A 106 28.79 -33.29 0.54
C THR A 106 30.14 -34.00 0.42
N GLU A 107 30.12 -35.32 0.33
CA GLU A 107 31.35 -36.10 0.21
C GLU A 107 32.13 -35.70 -1.06
N LEU A 108 31.41 -35.38 -2.14
CA LEU A 108 32.06 -34.93 -3.38
C LEU A 108 32.71 -33.54 -3.24
N ILE A 109 31.97 -32.58 -2.67
CA ILE A 109 32.52 -31.24 -2.38
C ILE A 109 33.66 -31.32 -1.35
N ALA A 110 33.53 -32.19 -0.35
CA ALA A 110 34.58 -32.39 0.66
C ALA A 110 35.90 -32.82 0.01
N PHE A 111 35.81 -33.69 -1.00
CA PHE A 111 37.00 -34.12 -1.72
C PHE A 111 37.70 -32.94 -2.41
N GLU A 112 36.91 -32.09 -3.07
CA GLU A 112 37.45 -30.90 -3.72
C GLU A 112 38.07 -29.91 -2.73
N CYS A 113 37.50 -29.84 -1.53
CA CYS A 113 38.05 -29.03 -0.44
C CYS A 113 39.45 -29.51 -0.01
N LEU A 114 39.62 -30.83 0.11
CA LEU A 114 40.92 -31.42 0.42
C LEU A 114 41.93 -31.26 -0.73
N GLU A 115 41.45 -31.34 -1.97
CA GLU A 115 42.31 -31.09 -3.14
C GLU A 115 42.77 -29.62 -3.20
N ASN A 116 41.87 -28.71 -2.83
CA ASN A 116 42.19 -27.28 -2.72
C ASN A 116 43.36 -27.03 -1.76
N GLU A 117 44.23 -26.07 -2.10
N GLU A 117 44.21 -26.06 -2.11
CA GLU A 117 45.43 -25.80 -1.30
CA GLU A 117 45.42 -25.74 -1.35
C GLU A 117 45.14 -25.16 0.05
C GLU A 117 45.14 -25.18 0.05
N LEU A 118 43.99 -24.51 0.20
CA LEU A 118 43.60 -23.92 1.48
C LEU A 118 43.13 -25.00 2.44
N ASP A 119 43.36 -24.76 3.74
CA ASP A 119 42.83 -25.63 4.78
C ASP A 119 41.37 -25.28 5.01
N LEU A 120 40.49 -26.10 4.45
CA LEU A 120 39.07 -25.79 4.40
C LEU A 120 38.24 -26.66 5.33
N GLU A 121 37.22 -26.05 5.91
CA GLU A 121 36.22 -26.75 6.70
C GLU A 121 34.84 -26.33 6.20
N TYR A 122 33.80 -26.97 6.74
CA TYR A 122 32.42 -26.72 6.29
C TYR A 122 31.44 -27.19 7.35
N ASP A 123 30.15 -26.89 7.16
CA ASP A 123 29.12 -27.40 8.07
C ASP A 123 28.31 -28.56 7.43
N GLU A 124 27.10 -28.28 6.95
CA GLU A 124 26.26 -29.31 6.31
C GLU A 124 25.27 -28.67 5.36
N ILE A 125 24.76 -29.48 4.42
CA ILE A 125 23.70 -29.03 3.53
C ILE A 125 22.35 -29.54 4.08
N THR A 126 21.50 -28.61 4.50
CA THR A 126 20.21 -29.00 5.10
C THR A 126 19.12 -29.05 4.04
N ILE A 127 18.02 -29.71 4.38
CA ILE A 127 16.83 -29.75 3.53
C ILE A 127 16.29 -28.34 3.28
N LEU A 128 16.27 -27.52 4.32
CA LEU A 128 15.81 -26.14 4.20
C LEU A 128 16.67 -25.33 3.23
N GLU A 129 17.99 -25.51 3.32
CA GLU A 129 18.92 -24.83 2.41
C GLU A 129 18.70 -25.24 0.95
N LEU A 130 18.37 -26.51 0.73
CA LEU A 130 18.09 -27.00 -0.60
C LEU A 130 16.80 -26.41 -1.18
N ILE A 131 15.76 -26.36 -0.35
CA ILE A 131 14.49 -25.73 -0.72
C ILE A 131 14.73 -24.26 -1.08
N LYS A 132 15.51 -23.57 -0.26
CA LYS A 132 15.85 -22.17 -0.52
C LYS A 132 16.69 -22.00 -1.79
N ALA A 133 17.69 -22.85 -1.97
CA ALA A 133 18.54 -22.79 -3.16
C ALA A 133 17.73 -23.01 -4.44
N LEU A 134 16.71 -23.86 -4.37
CA LEU A 134 15.86 -24.13 -5.54
C LEU A 134 14.99 -22.94 -5.96
N GLY A 135 14.85 -21.96 -5.07
CA GLY A 135 14.16 -20.72 -5.38
C GLY A 135 12.65 -20.87 -5.45
N VAL A 136 12.11 -21.74 -4.59
CA VAL A 136 10.66 -22.00 -4.54
C VAL A 136 9.90 -20.72 -4.19
N LYS A 137 8.89 -20.41 -5.01
CA LYS A 137 8.09 -19.21 -4.82
C LYS A 137 6.74 -19.39 -5.52
N ILE A 138 5.75 -18.59 -5.12
CA ILE A 138 4.44 -18.64 -5.74
C ILE A 138 4.55 -18.17 -7.20
N GLU A 139 3.89 -18.90 -8.10
CA GLU A 139 3.86 -18.56 -9.52
C GLU A 139 3.12 -17.24 -9.72
N THR A 140 3.73 -16.33 -10.48
CA THR A 140 3.14 -15.00 -10.69
C THR A 140 3.12 -14.62 -12.17
N GLN A 141 2.26 -15.29 -12.95
CA GLN A 141 2.17 -14.99 -14.38
C GLN A 141 1.03 -14.01 -14.71
N SER A 142 0.42 -13.42 -13.68
CA SER A 142 -0.59 -12.39 -13.87
C SER A 142 0.00 -11.16 -14.56
N ASP A 143 -0.74 -10.61 -15.51
CA ASP A 143 -0.37 -9.34 -16.12
C ASP A 143 -1.34 -8.26 -15.64
N THR A 144 -2.63 -8.57 -15.72
CA THR A 144 -3.68 -7.59 -15.44
C THR A 144 -4.08 -7.55 -13.97
N ILE A 145 -4.82 -6.50 -13.60
CA ILE A 145 -5.37 -6.38 -12.24
C ILE A 145 -6.29 -7.56 -11.92
N PHE A 146 -7.12 -7.93 -12.90
CA PHE A 146 -8.01 -9.09 -12.77
C PHE A 146 -7.23 -10.36 -12.43
N GLU A 147 -6.18 -10.63 -13.20
CA GLU A 147 -5.38 -11.83 -13.01
C GLU A 147 -4.68 -11.84 -11.66
N LYS A 148 -4.16 -10.67 -11.25
CA LYS A 148 -3.48 -10.51 -9.97
C LYS A 148 -4.36 -10.85 -8.77
N CYS A 149 -5.65 -10.54 -8.87
CA CYS A 149 -6.60 -10.82 -7.80
C CYS A 149 -6.65 -12.30 -7.39
N PHE A 150 -6.52 -13.20 -8.37
CA PHE A 150 -6.53 -14.65 -8.11
C PHE A 150 -5.35 -15.07 -7.27
N GLU A 151 -4.20 -14.44 -7.52
CA GLU A 151 -2.98 -14.72 -6.77
C GLU A 151 -3.12 -14.25 -5.31
N ILE A 152 -3.80 -13.12 -5.13
CA ILE A 152 -4.03 -12.57 -3.80
C ILE A 152 -4.98 -13.48 -3.02
N ILE A 153 -6.04 -13.93 -3.68
CA ILE A 153 -7.00 -14.86 -3.05
C ILE A 153 -6.33 -16.18 -2.69
N GLN A 154 -5.43 -16.66 -3.55
CA GLN A 154 -4.65 -17.87 -3.26
C GLN A 154 -3.82 -17.70 -1.98
N VAL A 155 -3.15 -16.56 -1.84
CA VAL A 155 -2.38 -16.26 -0.62
C VAL A 155 -3.29 -16.23 0.62
N TYR A 156 -4.44 -15.55 0.49
CA TYR A 156 -5.44 -15.51 1.56
C TYR A 156 -5.86 -16.91 2.04
N HIS A 157 -6.15 -17.82 1.10
CA HIS A 157 -6.51 -19.20 1.48
C HIS A 157 -5.36 -19.90 2.20
N TYR A 158 -4.13 -19.57 1.80
CA TYR A 158 -2.93 -20.19 2.39
C TYR A 158 -2.70 -19.74 3.83
N LEU A 159 -3.03 -18.49 4.12
CA LEU A 159 -2.79 -17.90 5.43
C LEU A 159 -3.93 -18.21 6.39
N THR A 160 -3.74 -19.25 7.19
CA THR A 160 -4.78 -19.72 8.13
C THR A 160 -5.13 -18.69 9.20
N LYS A 161 -4.20 -17.77 9.46
CA LYS A 161 -4.40 -16.71 10.45
C LYS A 161 -5.32 -15.58 9.97
N LYS A 162 -5.59 -15.52 8.67
CA LYS A 162 -6.46 -14.50 8.11
C LYS A 162 -7.89 -15.05 7.99
N ASN A 163 -8.88 -14.26 8.39
CA ASN A 163 -10.29 -14.69 8.29
C ASN A 163 -11.24 -13.72 7.59
N LEU A 164 -10.71 -12.57 7.17
CA LEU A 164 -11.45 -11.70 6.26
C LEU A 164 -10.50 -11.01 5.31
N LEU A 165 -10.74 -11.17 4.01
CA LEU A 165 -10.04 -10.41 2.98
C LEU A 165 -10.97 -9.34 2.46
N VAL A 166 -10.51 -8.08 2.45
CA VAL A 166 -11.30 -6.98 1.94
C VAL A 166 -10.57 -6.37 0.74
N PHE A 167 -11.21 -6.45 -0.43
CA PHE A 167 -10.79 -5.65 -1.57
C PHE A 167 -11.50 -4.31 -1.47
N VAL A 168 -10.70 -3.25 -1.33
CA VAL A 168 -11.26 -1.90 -1.19
C VAL A 168 -11.24 -1.20 -2.54
N ASN A 169 -12.43 -0.86 -3.05
CA ASN A 169 -12.56 0.02 -4.23
C ASN A 169 -11.89 -0.62 -5.46
N SER A 170 -12.07 -1.93 -5.62
N SER A 170 -12.07 -1.93 -5.61
CA SER A 170 -11.44 -2.70 -6.68
CA SER A 170 -11.43 -2.70 -6.68
C SER A 170 -12.37 -2.90 -7.88
C SER A 170 -12.38 -2.98 -7.85
N GLY A 171 -13.66 -2.70 -7.65
CA GLY A 171 -14.68 -2.92 -8.71
C GLY A 171 -14.43 -2.11 -9.97
N ALA A 172 -13.84 -0.93 -9.80
CA ALA A 172 -13.55 -0.02 -10.91
C ALA A 172 -12.54 -0.56 -11.92
N TYR A 173 -11.73 -1.54 -11.51
CA TYR A 173 -10.74 -2.16 -12.39
C TYR A 173 -11.25 -3.38 -13.17
N LEU A 174 -12.47 -3.82 -12.85
CA LEU A 174 -12.97 -5.13 -13.31
C LEU A 174 -14.25 -5.04 -14.13
N THR A 175 -14.32 -5.83 -15.20
CA THR A 175 -15.56 -5.98 -15.96
C THR A 175 -16.52 -6.86 -15.15
N LYS A 176 -17.80 -6.85 -15.53
CA LYS A 176 -18.81 -7.66 -14.85
C LYS A 176 -18.47 -9.16 -14.89
N ASP A 177 -18.07 -9.65 -16.06
N ASP A 177 -18.07 -9.64 -16.07
CA ASP A 177 -17.69 -11.05 -16.21
CA ASP A 177 -17.68 -11.04 -16.24
C ASP A 177 -16.52 -11.40 -15.29
C ASP A 177 -16.50 -11.41 -15.33
N GLU A 178 -15.59 -10.45 -15.12
CA GLU A 178 -14.44 -10.64 -14.25
C GLU A 178 -14.81 -10.75 -12.77
N VAL A 179 -15.73 -9.91 -12.30
CA VAL A 179 -16.20 -9.98 -10.92
C VAL A 179 -16.86 -11.34 -10.67
N ILE A 180 -17.67 -11.78 -11.63
CA ILE A 180 -18.34 -13.08 -11.54
C ILE A 180 -17.31 -14.21 -11.41
N LYS A 181 -16.29 -14.20 -12.27
CA LYS A 181 -15.23 -15.20 -12.22
C LYS A 181 -14.48 -15.19 -10.89
N LEU A 182 -14.16 -14.00 -10.39
CA LEU A 182 -13.53 -13.86 -9.07
C LEU A 182 -14.40 -14.43 -7.95
N CYS A 183 -15.69 -14.11 -7.97
CA CYS A 183 -16.62 -14.60 -6.96
C CYS A 183 -16.78 -16.13 -7.02
N GLU A 184 -16.76 -16.68 -8.23
CA GLU A 184 -16.83 -18.15 -8.40
C GLU A 184 -15.59 -18.82 -7.83
N TYR A 185 -14.42 -18.24 -8.09
CA TYR A 185 -13.16 -18.69 -7.53
C TYR A 185 -13.11 -18.56 -6.01
N ILE A 186 -13.60 -17.44 -5.49
CA ILE A 186 -13.70 -17.24 -4.03
C ILE A 186 -14.60 -18.31 -3.38
N ASN A 187 -15.75 -18.57 -3.99
CA ASN A 187 -16.67 -19.59 -3.48
C ASN A 187 -16.00 -20.96 -3.29
N LEU A 188 -15.10 -21.30 -4.22
CA LEU A 188 -14.35 -22.56 -4.19
C LEU A 188 -13.42 -22.71 -2.98
N MET A 189 -12.96 -21.57 -2.44
CA MET A 189 -11.98 -21.59 -1.34
C MET A 189 -12.57 -21.33 0.06
N GLN A 190 -13.88 -21.10 0.13
CA GLN A 190 -14.68 -21.12 1.38
C GLN A 190 -14.60 -19.91 2.30
N LYS A 191 -13.47 -19.21 2.31
CA LYS A 191 -13.25 -18.09 3.23
C LYS A 191 -13.95 -16.80 2.79
N SER A 192 -14.21 -15.93 3.75
CA SER A 192 -14.97 -14.70 3.49
C SER A 192 -14.13 -13.63 2.79
N VAL A 193 -14.69 -13.10 1.70
CA VAL A 193 -14.08 -12.00 0.96
C VAL A 193 -15.13 -10.89 0.80
N LEU A 194 -14.73 -9.67 1.13
CA LEU A 194 -15.60 -8.49 0.98
C LEU A 194 -15.07 -7.55 -0.09
N PHE A 195 -15.93 -7.23 -1.06
CA PHE A 195 -15.63 -6.16 -2.00
C PHE A 195 -16.33 -4.92 -1.45
N LEU A 196 -15.55 -3.94 -1.01
CA LEU A 196 -16.10 -2.73 -0.41
C LEU A 196 -16.12 -1.58 -1.44
N GLU A 197 -17.31 -1.24 -1.93
CA GLU A 197 -17.49 -0.37 -3.10
C GLU A 197 -18.21 0.94 -2.78
N PRO A 198 -17.83 2.03 -3.47
CA PRO A 198 -18.47 3.34 -3.29
C PRO A 198 -19.68 3.56 -4.21
N ARG A 199 -19.85 2.66 -5.19
CA ARG A 199 -20.95 2.70 -6.16
C ARG A 199 -21.35 1.27 -6.48
N ARG A 200 -22.57 1.08 -6.96
CA ARG A 200 -23.08 -0.26 -7.29
C ARG A 200 -22.17 -0.97 -8.29
N LEU A 201 -21.86 -2.23 -8.01
CA LEU A 201 -20.98 -3.01 -8.86
C LEU A 201 -21.83 -3.76 -9.88
N TYR A 202 -22.03 -3.13 -11.04
CA TYR A 202 -22.95 -3.62 -12.07
C TYR A 202 -24.32 -3.92 -11.44
N ASP A 203 -24.96 -5.00 -11.87
CA ASP A 203 -26.23 -5.43 -11.29
C ASP A 203 -26.08 -6.75 -10.53
N LEU A 204 -24.89 -6.99 -10.00
CA LEU A 204 -24.61 -8.21 -9.24
C LEU A 204 -25.33 -8.19 -7.88
N PRO A 205 -25.66 -9.38 -7.33
CA PRO A 205 -26.25 -9.42 -6.00
C PRO A 205 -25.34 -8.71 -5.01
N GLN A 206 -25.85 -7.68 -4.33
CA GLN A 206 -25.03 -6.90 -3.40
C GLN A 206 -25.87 -6.18 -2.34
N TYR A 207 -25.24 -5.91 -1.19
CA TYR A 207 -25.82 -5.07 -0.16
C TYR A 207 -25.50 -3.61 -0.46
N VAL A 208 -26.53 -2.77 -0.42
CA VAL A 208 -26.35 -1.35 -0.72
C VAL A 208 -26.85 -0.53 0.47
N ILE A 209 -25.97 0.29 1.03
CA ILE A 209 -26.41 1.32 1.96
C ILE A 209 -26.56 2.60 1.13
N ASP A 210 -27.80 3.06 0.95
CA ASP A 210 -28.07 4.18 0.07
C ASP A 210 -27.86 5.54 0.75
N LYS A 211 -28.12 6.60 0.00
CA LYS A 211 -27.87 7.97 0.46
C LYS A 211 -28.66 8.37 1.71
N ASP A 212 -29.78 7.70 1.95
CA ASP A 212 -30.59 7.93 3.14
C ASP A 212 -30.31 6.90 4.24
N TYR A 213 -29.24 6.12 4.04
CA TYR A 213 -28.75 5.11 4.98
C TYR A 213 -29.63 3.87 5.13
N PHE A 214 -30.53 3.64 4.16
CA PHE A 214 -31.30 2.41 4.13
C PHE A 214 -30.43 1.29 3.59
N LEU A 215 -30.57 0.10 4.16
CA LEU A 215 -29.93 -1.10 3.63
C LEU A 215 -30.84 -1.73 2.60
N ILE A 216 -30.36 -1.81 1.36
CA ILE A 216 -31.11 -2.38 0.24
C ILE A 216 -30.43 -3.67 -0.20
N GLY A 217 -31.23 -4.70 -0.47
CA GLY A 217 -30.71 -5.97 -0.97
C GLY A 217 -30.93 -6.03 -2.46
N GLU A 218 -29.99 -5.45 -3.22
CA GLU A 218 -30.09 -5.24 -4.68
C GLU A 218 -30.61 -6.44 -5.50
N ASN A 219 -29.76 -7.09 -6.30
CA ASN A 219 -30.21 -8.22 -7.11
C ASN A 219 -30.26 -9.49 -6.24
N MET A 220 -30.91 -9.39 -5.08
CA MET A 220 -30.92 -10.47 -4.10
C MET A 220 -32.29 -11.12 -3.98
N VAL A 221 -32.29 -12.43 -3.84
CA VAL A 221 -33.53 -13.22 -3.75
C VAL A 221 -34.35 -12.81 -2.54
N LEU A 222 -35.65 -12.59 -2.76
CA LEU A 222 -36.56 -12.18 -1.70
C LEU A 222 -36.98 -13.39 -0.87
N MET B 1 6.85 20.47 -17.05
CA MET B 1 5.38 20.52 -16.86
C MET B 1 4.69 19.22 -17.28
N VAL B 2 5.48 18.22 -17.68
CA VAL B 2 5.05 16.83 -17.99
C VAL B 2 3.73 16.60 -18.77
N LYS B 3 3.84 15.87 -19.87
CA LYS B 3 2.70 15.53 -20.73
C LYS B 3 2.53 14.01 -20.81
N ILE B 4 1.29 13.56 -21.00
CA ILE B 4 0.97 12.13 -21.07
C ILE B 4 0.42 11.73 -22.45
N ASN B 5 0.91 10.62 -22.97
CA ASN B 5 0.43 10.05 -24.23
C ASN B 5 0.36 8.53 -24.16
N PHE B 6 -0.65 7.98 -24.84
CA PHE B 6 -0.81 6.53 -25.03
C PHE B 6 -1.61 6.25 -26.32
N PRO B 7 -1.70 4.97 -26.75
CA PRO B 7 -2.32 4.64 -28.05
C PRO B 7 -3.71 5.26 -28.25
N ILE B 8 -4.55 5.19 -27.22
CA ILE B 8 -5.91 5.72 -27.26
C ILE B 8 -5.94 7.23 -27.50
N LEU B 9 -4.93 7.93 -26.99
CA LEU B 9 -4.84 9.38 -27.08
C LEU B 9 -4.16 9.81 -28.39
N ASP B 10 -4.88 10.57 -29.21
CA ASP B 10 -4.35 11.04 -30.49
C ASP B 10 -3.30 12.14 -30.32
N GLU B 11 -3.47 12.97 -29.30
CA GLU B 11 -2.53 14.05 -28.99
C GLU B 11 -2.16 13.99 -27.50
N PRO B 12 -0.87 14.19 -27.18
CA PRO B 12 -0.43 14.23 -25.78
C PRO B 12 -1.19 15.25 -24.93
N LEU B 13 -1.53 14.87 -23.71
CA LEU B 13 -2.30 15.73 -22.81
C LEU B 13 -1.41 16.40 -21.77
N VAL B 14 -1.54 17.72 -21.65
CA VAL B 14 -0.76 18.49 -20.68
C VAL B 14 -1.24 18.26 -19.24
N LEU B 15 -0.32 17.80 -18.40
CA LEU B 15 -0.60 17.62 -16.99
C LEU B 15 0.11 18.72 -16.20
N SER B 16 -0.56 19.85 -16.04
N SER B 16 -0.57 19.85 -16.05
CA SER B 16 -0.01 20.98 -15.30
CA SER B 16 -0.03 20.99 -15.30
C SER B 16 -0.75 21.17 -14.00
C SER B 16 -0.76 21.15 -13.99
N ASN B 17 0.00 21.42 -12.93
CA ASN B 17 -0.55 21.56 -11.57
C ASN B 17 -1.46 20.39 -11.21
N ALA B 18 -2.70 20.64 -10.81
CA ALA B 18 -3.62 19.55 -10.51
C ALA B 18 -4.49 19.23 -11.72
N THR B 19 -4.48 17.96 -12.11
CA THR B 19 -5.27 17.47 -13.25
C THR B 19 -6.08 16.24 -12.86
N ILE B 20 -7.36 16.26 -13.22
CA ILE B 20 -8.22 15.09 -13.08
C ILE B 20 -8.42 14.48 -14.47
N LEU B 21 -8.08 13.20 -14.60
CA LEU B 21 -8.33 12.45 -15.83
C LEU B 21 -9.32 11.34 -15.56
N THR B 22 -10.47 11.42 -16.24
CA THR B 22 -11.57 10.49 -16.06
C THR B 22 -11.69 9.63 -17.31
N ILE B 23 -11.64 8.31 -17.12
CA ILE B 23 -11.78 7.35 -18.21
C ILE B 23 -13.00 6.45 -17.96
N GLU B 24 -14.05 6.66 -18.74
CA GLU B 24 -15.34 6.00 -18.48
C GLU B 24 -15.39 4.52 -18.86
N ASP B 25 -14.49 4.10 -19.75
CA ASP B 25 -14.37 2.69 -20.13
C ASP B 25 -13.56 1.91 -19.09
N VAL B 26 -14.15 0.85 -18.54
CA VAL B 26 -13.51 0.06 -17.48
C VAL B 26 -12.19 -0.59 -17.97
N SER B 27 -12.21 -1.17 -19.16
CA SER B 27 -11.04 -1.87 -19.70
C SER B 27 -9.87 -0.95 -20.06
N VAL B 28 -10.18 0.24 -20.59
CA VAL B 28 -9.16 1.25 -20.85
C VAL B 28 -8.63 1.80 -19.51
N TYR B 29 -9.53 2.07 -18.58
CA TYR B 29 -9.14 2.55 -17.26
C TYR B 29 -8.18 1.58 -16.55
N SER B 30 -8.57 0.31 -16.49
CA SER B 30 -7.78 -0.73 -15.82
C SER B 30 -6.44 -0.91 -16.52
N SER B 31 -6.46 -0.81 -17.84
CA SER B 31 -5.25 -0.92 -18.66
C SER B 31 -4.24 0.19 -18.35
N LEU B 32 -4.71 1.44 -18.32
CA LEU B 32 -3.84 2.58 -18.02
C LEU B 32 -3.27 2.49 -16.60
N VAL B 33 -4.09 2.08 -15.65
CA VAL B 33 -3.62 1.86 -14.27
C VAL B 33 -2.47 0.83 -14.26
N LYS B 34 -2.69 -0.28 -14.95
CA LYS B 34 -1.67 -1.32 -15.12
C LYS B 34 -0.36 -0.77 -15.71
N HIS B 35 -0.50 0.01 -16.79
CA HIS B 35 0.67 0.59 -17.46
C HIS B 35 1.43 1.57 -16.56
N PHE B 36 0.72 2.33 -15.74
CA PHE B 36 1.36 3.18 -14.73
C PHE B 36 2.23 2.37 -13.77
N TYR B 37 1.70 1.25 -13.32
CA TYR B 37 2.44 0.34 -12.45
C TYR B 37 3.58 -0.38 -13.15
N GLN B 38 3.56 -0.40 -14.49
CA GLN B 38 4.60 -1.05 -15.28
C GLN B 38 5.56 -0.05 -15.93
N TYR B 39 5.34 1.23 -15.69
CA TYR B 39 6.15 2.32 -16.26
C TYR B 39 7.59 2.25 -15.77
N ASP B 40 8.57 2.21 -16.68
CA ASP B 40 8.32 2.21 -18.12
C ASP B 40 8.82 0.93 -18.78
N VAL B 41 7.92 0.19 -19.41
CA VAL B 41 8.26 -1.00 -20.18
C VAL B 41 7.60 -0.94 -21.56
N ASP B 42 6.27 -0.75 -21.58
CA ASP B 42 5.50 -0.72 -22.82
C ASP B 42 5.47 0.68 -23.43
N GLU B 43 6.08 0.82 -24.60
CA GLU B 43 6.16 2.08 -25.36
C GLU B 43 6.65 3.26 -24.52
N ASP B 49 5.92 20.02 -20.24
CA ASP B 49 6.68 20.19 -21.47
C ASP B 49 7.83 19.17 -21.58
N ASP B 50 8.97 19.49 -20.97
CA ASP B 50 10.24 18.76 -21.11
C ASP B 50 10.55 18.26 -22.53
N LYS B 51 11.25 19.10 -23.30
CA LYS B 51 11.63 18.85 -24.69
C LYS B 51 11.81 17.37 -25.04
N GLN B 52 10.68 16.71 -25.34
CA GLN B 52 10.64 15.30 -25.79
C GLN B 52 11.31 14.32 -24.83
N LYS B 53 11.63 14.78 -23.62
CA LYS B 53 12.35 13.97 -22.64
C LYS B 53 11.39 13.10 -21.81
N SER B 54 11.58 11.78 -21.89
CA SER B 54 10.77 10.84 -21.11
C SER B 54 11.18 10.81 -19.64
N LEU B 55 10.19 10.77 -18.76
CA LEU B 55 10.41 10.70 -17.32
C LEU B 55 10.99 9.36 -16.90
N LYS B 56 11.96 9.40 -15.99
CA LYS B 56 12.52 8.19 -15.39
C LYS B 56 11.46 7.58 -14.48
N ALA B 57 11.53 6.27 -14.28
CA ALA B 57 10.62 5.56 -13.39
C ALA B 57 10.66 6.12 -11.97
N THR B 58 11.84 6.57 -11.55
CA THR B 58 12.06 7.10 -10.20
C THR B 58 11.48 8.51 -9.99
N GLU B 59 11.09 9.16 -11.07
CA GLU B 59 10.43 10.46 -11.01
C GLU B 59 8.94 10.33 -10.70
N LEU B 60 8.44 9.09 -10.77
CA LEU B 60 7.03 8.80 -10.59
C LEU B 60 6.70 8.49 -9.12
N MET B 61 5.61 9.09 -8.65
CA MET B 61 5.09 8.84 -7.32
C MET B 61 3.66 8.31 -7.51
N LEU B 62 3.47 7.03 -7.18
CA LEU B 62 2.23 6.32 -7.53
C LEU B 62 1.49 5.81 -6.28
N VAL B 63 0.26 6.28 -6.08
CA VAL B 63 -0.50 6.03 -4.86
C VAL B 63 -1.90 5.46 -5.14
N THR B 64 -2.17 4.26 -4.62
CA THR B 64 -3.50 3.67 -4.70
C THR B 64 -4.01 3.40 -3.27
N ASP B 65 -3.18 2.72 -2.48
CA ASP B 65 -3.45 2.53 -1.06
C ASP B 65 -2.93 3.75 -0.32
N ILE B 66 -3.83 4.69 -0.06
CA ILE B 66 -3.46 5.98 0.53
C ILE B 66 -2.97 5.84 1.98
N LEU B 67 -3.78 5.22 2.83
CA LEU B 67 -3.44 5.05 4.24
C LEU B 67 -2.17 4.19 4.44
N GLY B 68 -1.92 3.25 3.55
CA GLY B 68 -0.74 2.39 3.65
C GLY B 68 0.55 3.04 3.16
N TYR B 69 0.43 4.16 2.43
CA TYR B 69 1.59 4.81 1.85
C TYR B 69 2.51 5.37 2.93
N ASP B 70 3.81 5.11 2.80
CA ASP B 70 4.77 5.55 3.80
C ASP B 70 5.25 6.98 3.54
N VAL B 71 4.77 7.92 4.37
CA VAL B 71 5.27 9.31 4.30
C VAL B 71 6.39 9.61 5.30
N ASN B 72 6.83 8.59 6.04
CA ASN B 72 7.86 8.77 7.07
C ASN B 72 9.16 8.02 6.78
N SER B 73 9.52 7.94 5.50
CA SER B 73 10.78 7.30 5.10
C SER B 73 11.95 8.17 5.53
N ALA B 74 13.11 7.55 5.73
CA ALA B 74 14.31 8.28 6.15
C ALA B 74 14.65 9.52 5.29
N PRO B 75 14.57 9.40 3.95
CA PRO B 75 14.75 10.58 3.08
C PRO B 75 13.77 11.73 3.34
N ILE B 76 12.51 11.41 3.63
CA ILE B 76 11.50 12.44 3.91
C ILE B 76 11.75 13.09 5.27
N LEU B 77 12.01 12.27 6.29
CA LEU B 77 12.33 12.78 7.63
C LEU B 77 13.50 13.75 7.60
N LYS B 78 14.52 13.40 6.81
CA LYS B 78 15.70 14.25 6.61
C LYS B 78 15.30 15.65 6.12
N LEU B 79 14.39 15.69 5.15
CA LEU B 79 13.94 16.96 4.57
C LEU B 79 13.10 17.79 5.55
N ILE B 80 12.20 17.12 6.27
CA ILE B 80 11.39 17.76 7.31
C ILE B 80 12.27 18.40 8.40
N HIS B 81 13.23 17.64 8.92
CA HIS B 81 14.11 18.14 9.97
C HIS B 81 14.97 19.31 9.48
N GLY B 82 15.40 19.24 8.22
CA GLY B 82 16.15 20.32 7.58
C GLY B 82 15.31 21.57 7.40
N ASP B 83 14.04 21.38 7.05
CA ASP B 83 13.07 22.46 6.89
C ASP B 83 12.83 23.16 8.25
N LEU B 84 12.68 22.36 9.30
CA LEU B 84 12.50 22.87 10.66
C LEU B 84 13.71 23.65 11.19
N GLU B 85 14.91 23.16 10.87
CA GLU B 85 16.15 23.87 11.16
C GLU B 85 16.16 25.25 10.47
N ASN B 86 15.65 25.29 9.23
N ASN B 86 15.66 25.29 9.23
CA ASN B 86 15.56 26.53 8.47
CA ASN B 86 15.56 26.53 8.47
C ASN B 86 14.62 27.54 9.11
C ASN B 86 14.60 27.55 9.08
N GLN B 87 13.52 27.06 9.69
CA GLN B 87 12.57 27.89 10.42
C GLN B 87 13.24 28.59 11.62
N PHE B 88 14.09 27.87 12.32
CA PHE B 88 14.91 28.47 13.38
C PHE B 88 15.89 29.51 12.83
N ASN B 89 16.53 29.19 11.69
CA ASN B 89 17.46 30.12 11.03
C ASN B 89 16.82 31.43 10.61
N GLU B 90 15.52 31.38 10.32
CA GLU B 90 14.74 32.56 9.94
C GLU B 90 14.31 33.39 11.15
N LYS B 91 14.47 32.81 12.34
CA LYS B 91 14.15 33.48 13.60
C LYS B 91 15.40 33.54 14.50
N PRO B 92 16.31 34.52 14.28
CA PRO B 92 17.57 34.57 15.04
C PRO B 92 17.38 34.60 16.56
N GLU B 93 16.36 35.33 17.02
CA GLU B 93 15.93 35.37 18.41
C GLU B 93 15.74 33.98 19.06
N VAL B 94 14.94 33.14 18.41
CA VAL B 94 14.58 31.84 18.95
C VAL B 94 15.73 30.84 18.75
N LYS B 95 16.44 30.97 17.63
CA LYS B 95 17.61 30.15 17.35
C LYS B 95 18.66 30.29 18.47
N SER B 96 18.89 31.53 18.89
N SER B 96 18.89 31.53 18.89
CA SER B 96 19.82 31.82 19.99
CA SER B 96 19.81 31.83 19.99
C SER B 96 19.38 31.20 21.31
C SER B 96 19.38 31.21 21.31
N MET B 97 18.07 31.22 21.57
CA MET B 97 17.50 30.58 22.77
C MET B 97 17.84 29.09 22.81
N VAL B 98 17.61 28.40 21.69
CA VAL B 98 17.91 26.97 21.59
C VAL B 98 19.41 26.72 21.80
N GLU B 99 20.24 27.53 21.16
CA GLU B 99 21.69 27.42 21.28
C GLU B 99 22.15 27.64 22.73
N LYS B 100 21.59 28.65 23.39
CA LYS B 100 21.93 28.95 24.80
C LYS B 100 21.56 27.76 25.70
N LEU B 101 20.40 27.19 25.47
CA LEU B 101 19.95 26.00 26.22
C LEU B 101 20.87 24.80 25.97
N ALA B 102 21.25 24.62 24.71
CA ALA B 102 22.13 23.51 24.34
C ALA B 102 23.53 23.65 24.95
N ALA B 103 23.98 24.90 25.08
CA ALA B 103 25.30 25.19 25.66
C ALA B 103 25.33 24.88 27.15
N THR B 104 24.21 25.14 27.85
CA THR B 104 24.10 24.79 29.26
C THR B 104 24.12 23.27 29.43
N ILE B 105 23.26 22.57 28.69
CA ILE B 105 23.29 21.09 28.63
C ILE B 105 24.71 20.56 28.39
N THR B 106 25.38 21.13 27.39
CA THR B 106 26.73 20.73 27.00
C THR B 106 27.71 20.78 28.18
N GLU B 107 27.69 21.88 28.94
CA GLU B 107 28.61 22.04 30.07
C GLU B 107 28.29 21.10 31.21
N LEU B 108 27.02 20.74 31.35
CA LEU B 108 26.62 19.76 32.37
C LEU B 108 27.17 18.38 32.01
N ILE B 109 27.07 18.01 30.74
CA ILE B 109 27.68 16.75 30.26
C ILE B 109 29.21 16.86 30.32
N ALA B 110 29.75 18.02 29.96
CA ALA B 110 31.20 18.27 30.02
C ALA B 110 31.77 18.05 31.42
N PHE B 111 31.06 18.51 32.44
CA PHE B 111 31.48 18.29 33.83
C PHE B 111 31.55 16.80 34.15
N GLU B 112 30.52 16.06 33.75
CA GLU B 112 30.51 14.60 33.94
C GLU B 112 31.63 13.90 33.15
N CYS B 113 31.92 14.41 31.95
CA CYS B 113 33.03 13.88 31.16
C CYS B 113 34.36 14.07 31.88
N LEU B 114 34.54 15.22 32.53
CA LEU B 114 35.76 15.49 33.27
C LEU B 114 35.87 14.63 34.54
N GLU B 115 34.75 14.43 35.24
CA GLU B 115 34.70 13.55 36.42
C GLU B 115 35.01 12.09 36.08
N ASN B 116 34.57 11.65 34.89
CA ASN B 116 34.83 10.29 34.43
C ASN B 116 36.34 10.01 34.32
N GLU B 117 36.76 8.81 34.66
CA GLU B 117 38.20 8.49 34.70
C GLU B 117 38.88 8.59 33.33
N LEU B 118 38.11 8.41 32.26
CA LEU B 118 38.64 8.48 30.89
C LEU B 118 38.89 9.91 30.46
N ASP B 119 39.93 10.12 29.67
CA ASP B 119 40.17 11.40 29.03
C ASP B 119 39.21 11.51 27.85
N LEU B 120 38.14 12.26 28.04
CA LEU B 120 37.06 12.34 27.05
C LEU B 120 37.04 13.66 26.30
N GLU B 121 36.72 13.57 25.01
CA GLU B 121 36.50 14.75 24.17
C GLU B 121 35.09 14.67 23.58
N TYR B 122 34.64 15.74 22.94
CA TYR B 122 33.31 15.79 22.35
C TYR B 122 33.25 16.88 21.28
N ASP B 123 32.13 16.94 20.55
CA ASP B 123 31.98 17.99 19.53
C ASP B 123 30.99 19.07 19.98
N GLU B 124 29.74 18.99 19.53
CA GLU B 124 28.70 19.95 19.91
C GLU B 124 27.30 19.37 19.71
N ILE B 125 26.32 19.91 20.42
CA ILE B 125 24.92 19.56 20.20
C ILE B 125 24.28 20.65 19.33
N THR B 126 23.89 20.28 18.11
CA THR B 126 23.35 21.23 17.14
C THR B 126 21.83 21.21 17.17
N ILE B 127 21.23 22.26 16.62
CA ILE B 127 19.77 22.34 16.52
C ILE B 127 19.22 21.16 15.71
N LEU B 128 19.89 20.82 14.61
CA LEU B 128 19.45 19.70 13.78
C LEU B 128 19.47 18.38 14.55
N GLU B 129 20.50 18.19 15.36
CA GLU B 129 20.59 16.99 16.22
C GLU B 129 19.50 16.96 17.28
N LEU B 130 19.10 18.13 17.77
CA LEU B 130 18.01 18.21 18.75
C LEU B 130 16.67 17.83 18.12
N ILE B 131 16.44 18.31 16.89
CA ILE B 131 15.24 17.97 16.13
C ILE B 131 15.16 16.47 15.85
N LYS B 132 16.27 15.88 15.40
CA LYS B 132 16.34 14.44 15.15
C LYS B 132 16.10 13.61 16.41
N ALA B 133 16.76 13.99 17.51
CA ALA B 133 16.60 13.32 18.79
C ALA B 133 15.16 13.41 19.28
N LEU B 134 14.48 14.51 18.98
CA LEU B 134 13.07 14.67 19.36
C LEU B 134 12.16 13.70 18.60
N GLY B 135 12.64 13.15 17.49
CA GLY B 135 11.89 12.15 16.73
C GLY B 135 10.70 12.75 15.99
N VAL B 136 10.88 13.96 15.48
CA VAL B 136 9.83 14.65 14.74
C VAL B 136 9.47 13.83 13.49
N LYS B 137 8.17 13.61 13.31
CA LYS B 137 7.67 12.83 12.19
C LYS B 137 6.26 13.27 11.87
N ILE B 138 5.75 12.85 10.71
CA ILE B 138 4.36 13.07 10.34
C ILE B 138 3.45 12.15 11.16
N GLU B 139 2.42 12.75 11.77
CA GLU B 139 1.39 11.96 12.45
C GLU B 139 0.52 11.35 11.37
N THR B 140 0.33 10.02 11.43
CA THR B 140 -0.52 9.33 10.45
C THR B 140 -1.60 8.45 11.08
N GLN B 141 -1.46 8.12 12.36
CA GLN B 141 -2.33 7.16 13.03
C GLN B 141 -3.81 7.52 12.91
N SER B 142 -4.14 8.78 13.20
CA SER B 142 -5.52 9.24 13.20
C SER B 142 -6.05 9.70 11.84
N ASP B 143 -5.19 9.67 10.81
CA ASP B 143 -5.51 10.21 9.48
C ASP B 143 -6.86 9.78 8.94
N THR B 144 -7.63 10.76 8.47
CA THR B 144 -8.69 10.48 7.51
C THR B 144 -8.00 10.31 6.15
N ILE B 145 -8.70 9.77 5.17
CA ILE B 145 -8.12 9.61 3.83
C ILE B 145 -7.74 10.97 3.21
N PHE B 146 -8.62 11.96 3.39
CA PHE B 146 -8.31 13.33 2.98
C PHE B 146 -7.02 13.83 3.63
N GLU B 147 -6.91 13.70 4.95
CA GLU B 147 -5.73 14.16 5.69
C GLU B 147 -4.45 13.53 5.15
N LYS B 148 -4.49 12.23 4.87
CA LYS B 148 -3.34 11.51 4.33
C LYS B 148 -3.01 11.91 2.89
N CYS B 149 -4.03 12.13 2.06
CA CYS B 149 -3.82 12.70 0.72
C CYS B 149 -3.06 14.02 0.82
N PHE B 150 -3.46 14.87 1.77
CA PHE B 150 -2.82 16.16 1.96
C PHE B 150 -1.34 15.98 2.36
N GLU B 151 -1.09 15.08 3.30
CA GLU B 151 0.27 14.76 3.75
C GLU B 151 1.15 14.23 2.59
N ILE B 152 0.56 13.41 1.73
CA ILE B 152 1.27 12.83 0.59
C ILE B 152 1.70 13.91 -0.40
N ILE B 153 0.80 14.84 -0.69
CA ILE B 153 1.08 15.99 -1.55
C ILE B 153 2.13 16.90 -0.92
N GLN B 154 2.04 17.11 0.39
CA GLN B 154 3.01 17.95 1.10
C GLN B 154 4.42 17.36 1.05
N VAL B 155 4.50 16.02 1.09
CA VAL B 155 5.75 15.28 0.97
C VAL B 155 6.30 15.36 -0.46
N TYR B 156 5.42 15.22 -1.43
CA TYR B 156 5.76 15.40 -2.84
C TYR B 156 6.38 16.78 -3.10
N HIS B 157 5.90 17.80 -2.37
CA HIS B 157 6.48 19.15 -2.40
C HIS B 157 7.96 19.14 -2.02
N TYR B 158 8.35 18.29 -1.07
CA TYR B 158 9.75 18.16 -0.66
C TYR B 158 10.62 17.43 -1.69
N LEU B 159 10.05 16.41 -2.33
CA LEU B 159 10.84 15.51 -3.18
C LEU B 159 11.15 16.08 -4.57
N THR B 160 12.33 16.67 -4.70
CA THR B 160 12.76 17.33 -5.95
C THR B 160 12.96 16.34 -7.10
N LYS B 161 13.25 15.08 -6.78
CA LYS B 161 13.47 14.05 -7.79
C LYS B 161 12.16 13.38 -8.25
N LYS B 162 11.02 13.88 -7.76
CA LYS B 162 9.70 13.45 -8.22
C LYS B 162 9.03 14.58 -9.01
N ASN B 163 8.48 14.24 -10.17
CA ASN B 163 7.83 15.25 -11.02
C ASN B 163 6.44 14.88 -11.55
N LEU B 164 5.92 13.73 -11.09
CA LEU B 164 4.51 13.40 -11.28
C LEU B 164 4.00 12.55 -10.12
N LEU B 165 3.02 13.07 -9.41
CA LEU B 165 2.30 12.31 -8.39
C LEU B 165 0.96 11.82 -8.95
N VAL B 166 0.73 10.51 -8.89
CA VAL B 166 -0.52 9.94 -9.40
C VAL B 166 -1.34 9.27 -8.29
N PHE B 167 -2.53 9.81 -8.05
CA PHE B 167 -3.53 9.18 -7.20
C PHE B 167 -4.44 8.32 -8.07
N VAL B 168 -4.42 7.01 -7.86
CA VAL B 168 -5.26 6.08 -8.62
C VAL B 168 -6.57 5.83 -7.87
N ASN B 169 -7.68 6.24 -8.48
CA ASN B 169 -9.02 5.90 -7.97
C ASN B 169 -9.25 6.40 -6.53
N SER B 170 -8.74 7.61 -6.25
N SER B 170 -8.76 7.62 -6.26
CA SER B 170 -8.84 8.19 -4.91
CA SER B 170 -8.83 8.19 -4.91
C SER B 170 -10.11 9.01 -4.73
C SER B 170 -10.01 9.16 -4.74
N GLY B 171 -10.66 9.50 -5.84
CA GLY B 171 -11.84 10.38 -5.82
C GLY B 171 -12.99 9.83 -5.01
N ALA B 172 -13.15 8.51 -5.04
CA ALA B 172 -14.22 7.81 -4.32
C ALA B 172 -14.21 8.09 -2.82
N TYR B 173 -13.06 8.47 -2.28
CA TYR B 173 -12.91 8.71 -0.84
C TYR B 173 -13.14 10.18 -0.42
N LEU B 174 -13.24 11.08 -1.40
CA LEU B 174 -13.14 12.51 -1.10
C LEU B 174 -14.42 13.27 -1.44
N THR B 175 -14.77 14.23 -0.59
CA THR B 175 -15.88 15.14 -0.89
C THR B 175 -15.39 16.17 -1.90
N LYS B 176 -16.34 16.81 -2.59
CA LYS B 176 -16.02 17.87 -3.56
C LYS B 176 -15.13 18.97 -2.97
N ASP B 177 -15.49 19.46 -1.78
N ASP B 177 -15.48 19.44 -1.77
CA ASP B 177 -14.72 20.50 -1.09
CA ASP B 177 -14.73 20.49 -1.07
C ASP B 177 -13.29 20.06 -0.76
C ASP B 177 -13.30 20.06 -0.73
N GLU B 178 -13.12 18.76 -0.49
CA GLU B 178 -11.80 18.20 -0.21
C GLU B 178 -10.93 18.14 -1.47
N VAL B 179 -11.52 17.69 -2.58
CA VAL B 179 -10.82 17.68 -3.88
C VAL B 179 -10.39 19.09 -4.28
N ILE B 180 -11.28 20.07 -4.07
CA ILE B 180 -10.95 21.48 -4.33
C ILE B 180 -9.76 21.91 -3.46
N LYS B 181 -9.83 21.63 -2.17
CA LYS B 181 -8.74 21.98 -1.23
C LYS B 181 -7.40 21.37 -1.63
N LEU B 182 -7.41 20.10 -2.03
CA LEU B 182 -6.20 19.46 -2.56
C LEU B 182 -5.67 20.19 -3.80
N CYS B 183 -6.55 20.41 -4.77
CA CYS B 183 -6.20 21.07 -6.02
C CYS B 183 -5.63 22.48 -5.84
N GLU B 184 -6.22 23.24 -4.92
CA GLU B 184 -5.77 24.62 -4.65
C GLU B 184 -4.37 24.64 -4.06
N TYR B 185 -4.08 23.67 -3.18
CA TYR B 185 -2.73 23.52 -2.63
C TYR B 185 -1.75 23.12 -3.74
N ILE B 186 -2.18 22.21 -4.60
CA ILE B 186 -1.36 21.75 -5.73
C ILE B 186 -1.04 22.90 -6.70
N ASN B 187 -2.07 23.68 -7.04
CA ASN B 187 -1.90 24.87 -7.89
C ASN B 187 -0.88 25.87 -7.33
N LEU B 188 -0.92 26.06 -6.01
CA LEU B 188 0.04 26.92 -5.31
C LEU B 188 1.44 26.31 -5.33
N MET B 189 1.50 24.98 -5.22
CA MET B 189 2.74 24.21 -5.24
C MET B 189 3.41 24.25 -6.61
N GLN B 190 2.61 24.14 -7.67
CA GLN B 190 3.08 24.12 -9.06
C GLN B 190 3.93 22.89 -9.40
N LYS B 191 3.47 21.72 -8.95
CA LYS B 191 4.02 20.45 -9.37
C LYS B 191 2.86 19.58 -9.85
N SER B 192 3.12 18.74 -10.84
CA SER B 192 2.06 17.99 -11.51
C SER B 192 1.50 16.86 -10.67
N VAL B 193 0.18 16.87 -10.50
CA VAL B 193 -0.54 15.81 -9.81
C VAL B 193 -1.67 15.33 -10.71
N LEU B 194 -1.78 14.01 -10.84
CA LEU B 194 -2.83 13.39 -11.64
C LEU B 194 -3.79 12.59 -10.77
N PHE B 195 -5.07 12.94 -10.83
CA PHE B 195 -6.14 12.14 -10.25
C PHE B 195 -6.72 11.31 -11.37
N LEU B 196 -6.41 10.02 -11.35
CA LEU B 196 -6.84 9.10 -12.40
C LEU B 196 -8.12 8.37 -11.95
N GLU B 197 -9.24 8.73 -12.59
CA GLU B 197 -10.57 8.38 -12.12
C GLU B 197 -11.36 7.53 -13.12
N PRO B 198 -12.17 6.57 -12.61
CA PRO B 198 -12.97 5.69 -13.46
C PRO B 198 -14.34 6.26 -13.84
N ARG B 199 -14.71 7.39 -13.25
CA ARG B 199 -15.95 8.11 -13.57
C ARG B 199 -15.79 9.56 -13.12
N ARG B 200 -16.68 10.42 -13.60
CA ARG B 200 -16.58 11.86 -13.35
C ARG B 200 -16.45 12.18 -11.86
N LEU B 201 -15.49 13.05 -11.54
CA LEU B 201 -15.27 13.48 -10.17
C LEU B 201 -16.06 14.76 -9.95
N TYR B 202 -17.28 14.61 -9.42
CA TYR B 202 -18.23 15.72 -9.26
C TYR B 202 -18.38 16.50 -10.57
N ASP B 203 -18.59 17.81 -10.49
CA ASP B 203 -18.67 18.64 -11.69
C ASP B 203 -17.41 19.51 -11.87
N LEU B 204 -16.28 19.02 -11.32
CA LEU B 204 -15.02 19.76 -11.38
C LEU B 204 -14.40 19.74 -12.80
N PRO B 205 -13.60 20.77 -13.15
CA PRO B 205 -12.96 20.71 -14.46
C PRO B 205 -12.03 19.51 -14.56
N GLN B 206 -12.21 18.72 -15.61
CA GLN B 206 -11.48 17.46 -15.78
C GLN B 206 -11.51 16.98 -17.22
N TYR B 207 -10.48 16.23 -17.60
CA TYR B 207 -10.42 15.61 -18.92
C TYR B 207 -11.14 14.27 -18.89
N VAL B 208 -12.13 14.12 -19.77
CA VAL B 208 -12.94 12.91 -19.82
C VAL B 208 -12.72 12.16 -21.13
N ILE B 209 -12.28 10.91 -21.04
CA ILE B 209 -12.26 10.02 -22.19
C ILE B 209 -13.53 9.19 -22.16
N ASP B 210 -14.38 9.41 -23.17
CA ASP B 210 -15.70 8.80 -23.27
C ASP B 210 -15.68 7.30 -23.51
N LYS B 211 -16.85 6.68 -23.33
CA LYS B 211 -17.06 5.27 -23.65
C LYS B 211 -16.89 4.98 -25.15
N ASP B 212 -16.85 6.05 -25.95
CA ASP B 212 -16.54 5.96 -27.38
C ASP B 212 -15.12 6.46 -27.67
N TYR B 213 -14.33 6.63 -26.60
CA TYR B 213 -12.92 7.03 -26.67
C TYR B 213 -12.69 8.48 -27.16
N PHE B 214 -13.65 9.36 -26.89
CA PHE B 214 -13.54 10.78 -27.26
C PHE B 214 -13.16 11.64 -26.05
N LEU B 215 -12.32 12.64 -26.29
CA LEU B 215 -11.81 13.52 -25.23
C LEU B 215 -12.66 14.78 -25.05
N ILE B 216 -13.08 15.03 -23.81
CA ILE B 216 -13.87 16.21 -23.45
C ILE B 216 -13.05 17.11 -22.52
#